data_8JXZ
#
_entry.id   8JXZ
#
_cell.length_a   89.417
_cell.length_b   64.465
_cell.length_c   105.274
_cell.angle_alpha   90.00
_cell.angle_beta   113.38
_cell.angle_gamma   90.00
#
_symmetry.space_group_name_H-M   'C 1 2 1'
#
loop_
_entity.id
_entity.type
_entity.pdbx_description
1 polymer 'SusD-like protein AqSusD'
2 branched 2-acetamido-2-deoxy-beta-D-glucopyranose-(1-4)-2-acetamido-2-deoxy-beta-D-glucopyranose-(1-4)-2-acetamido-2-deoxy-beta-D-glucopyranose
3 water water
#
_entity_poly.entity_id   1
_entity_poly.type   'polypeptide(L)'
_entity_poly.pdbx_seq_one_letter_code
;CSEGLEDIDGNPRNITQEQLEVDFQNVGSLYKPMFENIYQYTPPWSYQLQQNLNADVFSGYMTNPRPFVAGANNTTYNLV
SGWNNFIWSVPYSNVMNNAKTIEEETKDEFPELFAVSQILKVTAMHRVADVFGPIVYTKFGESATTSEYDSQEEAYNAFF
NDLEEAIQILSDNIDSPRFTAFDLAYGGNYTNWIKYANSLRLRLAIRISKVSPAKAKSEGEKSLNHSLGVIETNPDGFFV
NGTLDHPVRTINNSWGDIRMNASMESILVGYEDPRVDSYFNASEVVEGEFKGIRNGLPLLSEYDDELAQKADYITFSLLS
DEVLTPRVQLMTAAEVFFLKAEAALRGWSGAGDTRTNYEQGITTSFQQYGLSGISEYIANNTRTPIDYVDPVTPANNINA
LSTITIEWDEAASNEEKLERIITQKWIALFPEGQEAWSEYRRTGYPKIFPVISNQSGGVVDTDLQIRRIPFVDSELQTNP
DGVADAITKLGGPDNAGTRLWWDVPGGNFLEHHHHHH
;
_entity_poly.pdbx_strand_id   A
#
loop_
_chem_comp.id
_chem_comp.type
_chem_comp.name
_chem_comp.formula
NAG D-saccharide, beta linking 2-acetamido-2-deoxy-beta-D-glucopyranose 'C8 H15 N O6'
#
# COMPACT_ATOMS: atom_id res chain seq x y z
N GLU A 21 -16.23 -28.67 18.81
CA GLU A 21 -16.20 -28.66 17.34
C GLU A 21 -17.16 -27.58 16.79
N VAL A 22 -18.26 -27.37 17.52
CA VAL A 22 -19.22 -26.34 17.14
C VAL A 22 -18.65 -24.96 17.44
N ASP A 23 -17.94 -24.83 18.57
CA ASP A 23 -17.27 -23.57 18.88
C ASP A 23 -16.36 -23.14 17.73
N PHE A 24 -15.62 -24.11 17.17
CA PHE A 24 -14.73 -23.84 16.03
C PHE A 24 -15.49 -23.25 14.85
N GLN A 25 -16.58 -23.90 14.46
CA GLN A 25 -17.29 -23.45 13.27
C GLN A 25 -17.95 -22.09 13.49
N ASN A 26 -18.39 -21.80 14.71
CA ASN A 26 -18.94 -20.48 14.99
C ASN A 26 -17.87 -19.40 14.85
N VAL A 27 -16.70 -19.65 15.42
CA VAL A 27 -15.61 -18.70 15.29
C VAL A 27 -15.17 -18.57 13.82
N GLY A 28 -15.06 -19.70 13.11
CA GLY A 28 -14.59 -19.65 11.73
C GLY A 28 -15.39 -18.72 10.84
N SER A 29 -16.67 -18.50 11.16
CA SER A 29 -17.51 -17.62 10.37
C SER A 29 -17.12 -16.16 10.48
N LEU A 30 -16.29 -15.79 11.47
CA LEU A 30 -15.92 -14.39 11.62
C LEU A 30 -14.74 -13.97 10.74
N TYR A 31 -14.21 -14.85 9.90
CA TYR A 31 -13.01 -14.50 9.12
C TYR A 31 -13.34 -13.75 7.84
N LYS A 32 -14.43 -14.12 7.16
CA LYS A 32 -14.72 -13.50 5.87
C LYS A 32 -14.89 -11.98 5.96
N PRO A 33 -15.62 -11.41 6.93
CA PRO A 33 -15.61 -9.94 7.09
C PRO A 33 -14.21 -9.37 7.15
N MET A 34 -13.27 -10.09 7.77
CA MET A 34 -11.89 -9.62 7.87
C MET A 34 -11.21 -9.64 6.51
N PHE A 35 -11.38 -10.74 5.78
CA PHE A 35 -10.81 -10.86 4.43
C PHE A 35 -11.32 -9.77 3.51
N GLU A 36 -12.61 -9.44 3.62
CA GLU A 36 -13.27 -8.59 2.62
C GLU A 36 -13.12 -7.10 2.92
N ASN A 37 -12.59 -6.74 4.10
CA ASN A 37 -12.57 -5.33 4.53
C ASN A 37 -11.19 -4.81 4.88
N ILE A 38 -10.13 -5.60 4.70
CA ILE A 38 -8.79 -5.01 4.69
C ILE A 38 -8.77 -4.00 3.54
N TYR A 39 -8.89 -4.51 2.32
CA TYR A 39 -8.98 -3.73 1.09
C TYR A 39 -10.42 -3.87 0.61
N GLN A 40 -11.26 -2.89 0.93
CA GLN A 40 -12.70 -3.13 0.98
C GLN A 40 -13.32 -3.40 -0.39
N TYR A 41 -14.03 -4.53 -0.49
CA TYR A 41 -14.70 -4.96 -1.71
C TYR A 41 -15.98 -4.17 -1.98
N THR A 42 -16.76 -3.90 -0.95
CA THR A 42 -18.10 -3.41 -1.21
C THR A 42 -18.59 -2.63 0.00
N PRO A 43 -19.36 -1.54 -0.19
CA PRO A 43 -19.79 -0.97 -1.47
C PRO A 43 -18.66 -0.16 -2.07
N PRO A 44 -18.50 -0.14 -3.40
CA PRO A 44 -17.30 0.50 -3.96
C PRO A 44 -17.21 1.97 -3.66
N TRP A 45 -18.35 2.64 -3.39
CA TRP A 45 -18.27 4.03 -2.97
C TRP A 45 -17.56 4.16 -1.64
N SER A 46 -17.52 3.09 -0.84
CA SER A 46 -16.78 3.14 0.41
C SER A 46 -15.32 2.80 0.21
N TYR A 47 -15.00 1.84 -0.67
CA TYR A 47 -13.60 1.67 -1.06
C TYR A 47 -13.03 2.95 -1.62
N GLN A 48 -13.82 3.66 -2.46
CA GLN A 48 -13.33 4.88 -3.09
C GLN A 48 -12.78 5.85 -2.06
N LEU A 49 -13.45 5.95 -0.92
CA LEU A 49 -13.06 6.81 0.19
C LEU A 49 -12.05 6.16 1.15
N GLN A 50 -12.12 4.84 1.35
CA GLN A 50 -11.12 4.18 2.19
C GLN A 50 -9.71 4.38 1.64
N GLN A 51 -9.53 4.25 0.33
CA GLN A 51 -8.18 4.18 -0.23
C GLN A 51 -8.02 4.87 -1.58
N ASN A 52 -9.03 4.73 -2.46
CA ASN A 52 -8.83 5.17 -3.84
C ASN A 52 -8.52 6.66 -3.94
N LEU A 53 -9.15 7.49 -3.11
CA LEU A 53 -8.94 8.93 -3.18
C LEU A 53 -7.99 9.43 -2.10
N ASN A 54 -7.22 8.53 -1.50
CA ASN A 54 -6.01 8.94 -0.81
C ASN A 54 -4.84 8.19 -1.42
N ALA A 55 -4.51 6.99 -0.90
CA ALA A 55 -3.27 6.30 -1.29
C ALA A 55 -3.21 5.97 -2.78
N ASP A 56 -4.34 5.58 -3.40
CA ASP A 56 -4.26 5.17 -4.80
C ASP A 56 -3.80 6.30 -5.69
N VAL A 57 -4.06 7.53 -5.28
CA VAL A 57 -3.63 8.70 -6.02
C VAL A 57 -2.30 9.22 -5.49
N PHE A 58 -2.13 9.28 -4.17
CA PHE A 58 -0.90 9.82 -3.62
C PHE A 58 0.31 8.99 -4.02
N SER A 59 0.12 7.69 -4.27
CA SER A 59 1.20 6.80 -4.69
C SER A 59 1.76 7.15 -6.04
N GLY A 60 1.08 8.01 -6.81
CA GLY A 60 1.38 8.20 -8.20
C GLY A 60 0.87 7.10 -9.11
N TYR A 61 0.02 6.20 -8.59
CA TYR A 61 -0.52 5.10 -9.38
C TYR A 61 -1.64 5.57 -10.29
N MET A 62 -2.66 6.20 -9.71
CA MET A 62 -3.84 6.54 -10.47
C MET A 62 -4.15 8.03 -10.33
N THR A 63 -5.17 8.48 -11.07
CA THR A 63 -5.61 9.87 -11.05
C THR A 63 -7.09 9.93 -11.37
N ASN A 64 -7.85 10.64 -10.55
CA ASN A 64 -9.28 10.83 -10.80
C ASN A 64 -9.47 11.84 -11.93
N PRO A 65 -10.14 11.48 -13.03
CA PRO A 65 -10.36 12.46 -14.10
C PRO A 65 -11.21 13.63 -13.68
N ARG A 66 -11.95 13.53 -12.58
CA ARG A 66 -12.92 14.54 -12.20
C ARG A 66 -12.43 15.34 -11.01
N PRO A 67 -12.31 16.68 -11.11
CA PRO A 67 -11.83 17.47 -9.94
C PRO A 67 -12.96 17.68 -8.94
N PHE A 68 -13.21 16.65 -8.11
CA PHE A 68 -14.34 16.68 -7.20
C PHE A 68 -14.30 17.95 -6.37
N VAL A 69 -15.50 18.45 -6.05
CA VAL A 69 -15.70 19.61 -5.18
C VAL A 69 -15.04 20.85 -5.80
N ALA A 70 -15.22 21.00 -7.12
CA ALA A 70 -14.63 22.11 -7.88
C ALA A 70 -13.12 22.17 -7.67
N GLY A 71 -12.50 21.00 -7.54
CA GLY A 71 -11.05 20.90 -7.54
C GLY A 71 -10.38 21.06 -6.19
N ALA A 72 -11.15 21.17 -5.12
CA ALA A 72 -10.65 21.35 -3.76
C ALA A 72 -10.90 20.07 -2.95
N ASN A 73 -9.96 19.13 -3.02
CA ASN A 73 -10.17 17.84 -2.39
C ASN A 73 -8.81 17.28 -1.95
N ASN A 74 -8.83 16.01 -1.50
CA ASN A 74 -7.62 15.30 -1.07
C ASN A 74 -6.47 15.51 -2.04
N THR A 75 -6.75 15.39 -3.35
CA THR A 75 -5.68 15.34 -4.33
C THR A 75 -5.01 16.70 -4.52
N THR A 76 -5.69 17.79 -4.19
CA THR A 76 -5.08 19.11 -4.16
C THR A 76 -4.76 19.57 -2.74
N TYR A 77 -4.73 18.64 -1.79
CA TYR A 77 -4.33 18.87 -0.41
C TYR A 77 -5.27 19.81 0.34
N ASN A 78 -6.50 19.98 -0.12
CA ASN A 78 -7.57 20.55 0.68
C ASN A 78 -8.47 19.39 1.09
N LEU A 79 -8.17 18.78 2.23
CA LEU A 79 -8.65 17.45 2.54
C LEU A 79 -10.15 17.46 2.82
N VAL A 80 -10.83 16.40 2.40
CA VAL A 80 -12.25 16.23 2.64
C VAL A 80 -12.37 15.25 3.80
N SER A 81 -12.64 15.77 5.01
CA SER A 81 -12.56 14.92 6.19
C SER A 81 -13.65 13.86 6.18
N GLY A 82 -14.78 14.12 5.51
CA GLY A 82 -15.83 13.13 5.39
C GLY A 82 -15.39 11.92 4.58
N TRP A 83 -14.54 12.14 3.57
CA TRP A 83 -13.94 11.01 2.86
C TRP A 83 -13.02 10.22 3.80
N ASN A 84 -12.14 10.94 4.48
CA ASN A 84 -11.00 10.30 5.12
C ASN A 84 -11.39 9.58 6.41
N ASN A 85 -12.57 9.88 6.96
CA ASN A 85 -13.09 9.08 8.07
C ASN A 85 -13.12 7.61 7.72
N PHE A 86 -13.27 7.28 6.44
CA PHE A 86 -13.44 5.88 6.05
C PHE A 86 -12.14 5.08 6.07
N ILE A 87 -10.98 5.73 5.98
CA ILE A 87 -9.72 5.02 6.19
C ILE A 87 -9.69 4.36 7.55
N TRP A 88 -10.34 4.97 8.53
CA TRP A 88 -10.44 4.56 9.93
C TRP A 88 -11.68 3.70 10.19
N SER A 89 -12.84 4.12 9.66
CA SER A 89 -14.09 3.43 10.01
C SER A 89 -14.15 2.01 9.44
N VAL A 90 -13.60 1.78 8.27
CA VAL A 90 -13.67 0.46 7.64
C VAL A 90 -12.90 -0.56 8.49
N PRO A 91 -11.61 -0.36 8.80
CA PRO A 91 -10.93 -1.39 9.61
C PRO A 91 -11.49 -1.48 11.01
N TYR A 92 -11.86 -0.36 11.65
CA TYR A 92 -12.28 -0.44 13.04
C TYR A 92 -13.68 -1.05 13.17
N SER A 93 -14.53 -0.88 12.16
CA SER A 93 -15.90 -1.41 12.19
C SER A 93 -15.98 -2.88 11.79
N ASN A 94 -15.11 -3.32 10.87
CA ASN A 94 -15.25 -4.66 10.29
C ASN A 94 -14.15 -5.64 10.69
N VAL A 95 -12.95 -5.16 11.03
CA VAL A 95 -11.81 -6.03 11.29
C VAL A 95 -11.48 -6.12 12.78
N MET A 96 -11.34 -4.97 13.45
CA MET A 96 -10.89 -4.96 14.84
C MET A 96 -11.90 -5.61 15.77
N ASN A 97 -13.20 -5.42 15.50
CA ASN A 97 -14.22 -6.07 16.32
C ASN A 97 -14.14 -7.58 16.17
N ASN A 98 -14.00 -8.08 14.94
CA ASN A 98 -13.88 -9.52 14.71
C ASN A 98 -12.63 -10.08 15.38
N ALA A 99 -11.49 -9.39 15.23
CA ALA A 99 -10.25 -9.85 15.84
C ALA A 99 -10.37 -9.95 17.36
N LYS A 100 -10.91 -8.91 18.00
CA LYS A 100 -11.11 -8.96 19.44
C LYS A 100 -12.00 -10.12 19.85
N THR A 101 -13.09 -10.34 19.12
CA THR A 101 -13.96 -11.47 19.45
C THR A 101 -13.22 -12.79 19.29
N ILE A 102 -12.47 -12.95 18.18
CA ILE A 102 -11.73 -14.18 17.95
C ILE A 102 -10.69 -14.40 19.06
N GLU A 103 -9.94 -13.34 19.40
CA GLU A 103 -8.97 -13.45 20.48
C GLU A 103 -9.63 -13.95 21.76
N GLU A 104 -10.78 -13.36 22.12
CA GLU A 104 -11.45 -13.70 23.36
C GLU A 104 -11.95 -15.14 23.38
N GLU A 105 -12.40 -15.64 22.24
CA GLU A 105 -12.98 -16.98 22.22
C GLU A 105 -11.96 -18.06 21.94
N THR A 106 -10.78 -17.73 21.41
CA THR A 106 -9.85 -18.75 20.93
C THR A 106 -8.44 -18.66 21.48
N LYS A 107 -8.01 -17.55 22.09
CA LYS A 107 -6.60 -17.41 22.42
C LYS A 107 -6.13 -18.56 23.31
N ASP A 108 -6.99 -19.00 24.23
CA ASP A 108 -6.77 -20.17 25.06
C ASP A 108 -7.24 -21.45 24.39
N GLU A 109 -8.44 -21.43 23.83
CA GLU A 109 -9.10 -22.65 23.36
C GLU A 109 -8.55 -23.13 22.02
N PHE A 110 -8.39 -22.22 21.05
CA PHE A 110 -8.02 -22.60 19.67
C PHE A 110 -6.92 -21.65 19.18
N PRO A 111 -5.69 -21.84 19.65
CA PRO A 111 -4.65 -20.84 19.33
C PRO A 111 -4.42 -20.63 17.84
N GLU A 112 -4.49 -21.68 17.03
CA GLU A 112 -4.32 -21.51 15.59
C GLU A 112 -5.30 -20.48 15.04
N LEU A 113 -6.54 -20.47 15.55
CA LEU A 113 -7.52 -19.50 15.11
C LEU A 113 -7.09 -18.08 15.47
N PHE A 114 -6.79 -17.87 16.75
CA PHE A 114 -6.19 -16.62 17.20
C PHE A 114 -5.02 -16.20 16.34
N ALA A 115 -4.13 -17.14 16.03
CA ALA A 115 -2.92 -16.80 15.26
C ALA A 115 -3.26 -16.21 13.90
N VAL A 116 -4.15 -16.86 13.15
CA VAL A 116 -4.46 -16.33 11.82
C VAL A 116 -5.20 -15.02 11.94
N SER A 117 -5.99 -14.86 13.00
CA SER A 117 -6.71 -13.61 13.22
C SER A 117 -5.76 -12.47 13.52
N GLN A 118 -4.72 -12.73 14.31
CA GLN A 118 -3.73 -11.71 14.60
C GLN A 118 -2.98 -11.28 13.34
N ILE A 119 -2.69 -12.23 12.45
CA ILE A 119 -1.97 -11.91 11.21
C ILE A 119 -2.84 -11.02 10.33
N LEU A 120 -4.10 -11.41 10.11
CA LEU A 120 -5.01 -10.55 9.37
C LEU A 120 -5.15 -9.19 10.04
N LYS A 121 -5.15 -9.16 11.37
CA LYS A 121 -5.33 -7.92 12.11
C LYS A 121 -4.16 -6.97 11.87
N VAL A 122 -2.92 -7.47 11.97
CA VAL A 122 -1.76 -6.61 11.72
C VAL A 122 -1.77 -6.16 10.27
N THR A 123 -2.23 -7.02 9.37
CA THR A 123 -2.39 -6.65 7.96
C THR A 123 -3.28 -5.41 7.82
N ALA A 124 -4.45 -5.42 8.46
CA ALA A 124 -5.35 -4.27 8.35
C ALA A 124 -4.82 -3.07 9.09
N MET A 125 -4.19 -3.26 10.25
CA MET A 125 -3.93 -2.13 11.12
C MET A 125 -2.58 -1.45 10.89
N HIS A 126 -1.63 -2.11 10.25
CA HIS A 126 -0.41 -1.36 9.95
C HIS A 126 -0.65 -0.34 8.84
N ARG A 127 -1.60 -0.63 7.95
CA ARG A 127 -2.04 0.37 6.98
C ARG A 127 -2.52 1.63 7.71
N VAL A 128 -3.34 1.44 8.73
CA VAL A 128 -3.91 2.55 9.48
C VAL A 128 -2.81 3.33 10.19
N ALA A 129 -1.89 2.63 10.85
CA ALA A 129 -0.76 3.30 11.48
C ALA A 129 0.10 4.04 10.46
N ASP A 130 0.13 3.55 9.22
CA ASP A 130 0.90 4.18 8.14
C ASP A 130 0.18 5.37 7.51
N VAL A 131 -1.02 5.70 7.98
CA VAL A 131 -1.77 6.86 7.53
C VAL A 131 -1.87 7.91 8.63
N PHE A 132 -2.21 7.49 9.84
CA PHE A 132 -2.46 8.42 10.95
C PHE A 132 -1.30 8.52 11.92
N GLY A 133 -0.48 7.48 12.04
CA GLY A 133 0.57 7.43 13.02
C GLY A 133 0.07 6.72 14.26
N PRO A 134 -0.14 7.48 15.33
CA PRO A 134 -0.86 6.93 16.49
C PRO A 134 -2.18 6.30 16.10
N ILE A 135 -2.42 5.08 16.58
CA ILE A 135 -3.66 4.37 16.32
C ILE A 135 -4.07 3.62 17.58
N VAL A 136 -5.36 3.31 17.67
CA VAL A 136 -5.91 2.52 18.77
C VAL A 136 -5.72 1.06 18.39
N TYR A 137 -4.91 0.35 19.18
CA TYR A 137 -4.56 -1.01 18.82
C TYR A 137 -4.44 -1.90 20.06
N THR A 138 -3.40 -1.73 20.87
CA THR A 138 -3.28 -2.59 22.06
C THR A 138 -4.39 -2.34 23.08
N LYS A 139 -5.03 -1.17 23.07
CA LYS A 139 -6.07 -0.85 24.04
C LYS A 139 -7.47 -0.88 23.44
N PHE A 140 -7.61 -1.35 22.20
CA PHE A 140 -8.92 -1.36 21.58
C PHE A 140 -9.88 -2.21 22.40
N GLY A 141 -11.11 -1.71 22.56
CA GLY A 141 -12.14 -2.43 23.27
C GLY A 141 -12.27 -2.10 24.74
N GLU A 142 -11.33 -1.35 25.32
CA GLU A 142 -11.27 -1.27 26.78
C GLU A 142 -12.36 -0.42 27.39
N SER A 143 -12.95 0.52 26.64
CA SER A 143 -14.04 1.31 27.17
C SER A 143 -14.93 1.77 26.03
N ALA A 144 -16.19 2.01 26.35
CA ALA A 144 -17.10 2.68 25.43
C ALA A 144 -17.10 4.19 25.59
N THR A 145 -16.53 4.70 26.67
CA THR A 145 -16.45 6.14 26.89
C THR A 145 -15.28 6.76 26.12
N THR A 146 -14.08 6.18 26.29
CA THR A 146 -12.86 6.69 25.69
C THR A 146 -12.17 5.55 24.94
N SER A 147 -11.19 5.91 24.12
CA SER A 147 -10.31 4.95 23.48
C SER A 147 -8.92 5.56 23.43
N GLU A 148 -7.93 4.83 23.95
CA GLU A 148 -6.58 5.35 24.15
C GLU A 148 -5.67 4.88 23.02
N TYR A 149 -5.00 5.83 22.36
CA TYR A 149 -4.12 5.51 21.25
C TYR A 149 -2.77 4.98 21.74
N ASP A 150 -2.20 4.03 21.00
CA ASP A 150 -0.76 3.81 21.04
C ASP A 150 -0.07 4.86 20.19
N SER A 151 1.16 5.21 20.58
CA SER A 151 2.02 5.91 19.63
C SER A 151 2.32 4.97 18.47
N GLN A 152 2.84 5.53 17.38
CA GLN A 152 3.11 4.70 16.21
C GLN A 152 4.19 3.66 16.51
N GLU A 153 5.24 4.05 17.23
CA GLU A 153 6.26 3.09 17.63
C GLU A 153 5.66 1.96 18.44
N GLU A 154 4.80 2.31 19.41
CA GLU A 154 4.17 1.28 20.24
C GLU A 154 3.31 0.36 19.40
N ALA A 155 2.53 0.95 18.49
CA ALA A 155 1.77 0.16 17.54
C ALA A 155 2.67 -0.75 16.75
N TYR A 156 3.83 -0.26 16.33
CA TYR A 156 4.73 -1.14 15.58
C TYR A 156 5.34 -2.20 16.49
N ASN A 157 5.68 -1.85 17.74
CA ASN A 157 6.17 -2.87 18.67
C ASN A 157 5.14 -3.98 18.84
N ALA A 158 3.85 -3.61 18.91
CA ALA A 158 2.80 -4.61 19.03
C ALA A 158 2.68 -5.45 17.77
N PHE A 159 2.86 -4.83 16.59
CA PHE A 159 2.84 -5.61 15.34
C PHE A 159 3.88 -6.72 15.36
N PHE A 160 5.11 -6.39 15.75
CA PHE A 160 6.17 -7.40 15.78
C PHE A 160 5.88 -8.49 16.81
N ASN A 161 5.41 -8.10 17.99
CA ASN A 161 5.04 -9.10 19.00
C ASN A 161 3.95 -10.02 18.47
N ASP A 162 2.97 -9.45 17.76
CA ASP A 162 1.82 -10.21 17.31
C ASP A 162 2.19 -11.21 16.23
N LEU A 163 3.05 -10.81 15.29
CA LEU A 163 3.45 -11.74 14.23
C LEU A 163 4.31 -12.87 14.77
N GLU A 164 5.31 -12.55 15.60
CA GLU A 164 6.12 -13.60 16.21
C GLU A 164 5.27 -14.59 16.98
N GLU A 165 4.41 -14.09 17.87
CA GLU A 165 3.46 -14.96 18.58
C GLU A 165 2.65 -15.82 17.61
N ALA A 166 2.05 -15.21 16.58
CA ALA A 166 1.26 -15.99 15.64
C ALA A 166 2.11 -16.89 14.74
N ILE A 167 3.36 -16.50 14.48
CA ILE A 167 4.26 -17.40 13.77
C ILE A 167 4.58 -18.64 14.63
N GLN A 168 4.77 -18.43 15.94
CA GLN A 168 5.07 -19.54 16.84
C GLN A 168 3.90 -20.50 16.96
N ILE A 169 2.68 -19.97 17.13
CA ILE A 169 1.51 -20.81 17.30
C ILE A 169 1.26 -21.64 16.05
N LEU A 170 1.38 -21.02 14.88
CA LEU A 170 1.13 -21.75 13.65
C LEU A 170 2.21 -22.83 13.43
N SER A 171 3.46 -22.54 13.78
CA SER A 171 4.50 -23.55 13.65
C SER A 171 4.21 -24.77 14.52
N ASP A 172 3.57 -24.54 15.67
CA ASP A 172 3.20 -25.62 16.56
C ASP A 172 1.99 -26.39 16.07
N ASN A 173 1.22 -25.84 15.12
CA ASN A 173 0.04 -26.50 14.57
C ASN A 173 0.07 -26.50 13.04
N ILE A 174 1.27 -26.55 12.44
CA ILE A 174 1.47 -26.27 11.01
C ILE A 174 0.70 -27.21 10.09
N ASP A 175 0.31 -28.39 10.57
CA ASP A 175 -0.37 -29.36 9.73
C ASP A 175 -1.84 -29.47 10.03
N SER A 176 -2.37 -28.65 10.91
CA SER A 176 -3.79 -28.69 11.17
C SER A 176 -4.53 -28.18 9.94
N PRO A 177 -5.52 -28.92 9.44
CA PRO A 177 -6.30 -28.47 8.27
C PRO A 177 -7.60 -27.73 8.61
N ARG A 178 -7.83 -27.43 9.89
CA ARG A 178 -9.14 -26.95 10.35
C ARG A 178 -9.50 -25.55 9.86
N PHE A 179 -8.55 -24.78 9.34
CA PHE A 179 -8.88 -23.47 8.78
C PHE A 179 -9.32 -23.54 7.33
N THR A 180 -9.22 -24.70 6.69
CA THR A 180 -9.42 -24.81 5.24
C THR A 180 -10.75 -24.20 4.80
N ALA A 181 -11.83 -24.44 5.54
CA ALA A 181 -13.17 -23.99 5.16
C ALA A 181 -13.37 -22.49 5.28
N PHE A 182 -12.44 -21.75 5.86
CA PHE A 182 -12.60 -20.31 6.02
C PHE A 182 -11.49 -19.50 5.38
N ASP A 183 -10.53 -20.15 4.75
CA ASP A 183 -9.31 -19.49 4.28
C ASP A 183 -9.51 -18.98 2.86
N LEU A 184 -9.64 -17.67 2.70
CA LEU A 184 -9.74 -17.10 1.37
C LEU A 184 -8.38 -16.81 0.73
N ALA A 185 -7.29 -16.96 1.48
CA ALA A 185 -5.96 -16.69 0.92
C ALA A 185 -5.18 -17.97 0.59
N TYR A 186 -5.15 -18.94 1.50
CA TYR A 186 -4.25 -20.07 1.33
C TYR A 186 -4.93 -21.43 1.44
N GLY A 187 -6.25 -21.49 1.47
CA GLY A 187 -6.93 -22.78 1.53
C GLY A 187 -6.54 -23.63 2.72
N GLY A 188 -6.24 -23.02 3.85
CA GLY A 188 -5.95 -23.73 5.08
C GLY A 188 -4.50 -24.12 5.30
N ASN A 189 -3.60 -23.76 4.40
CA ASN A 189 -2.20 -24.18 4.50
C ASN A 189 -1.46 -23.23 5.47
N TYR A 190 -1.26 -23.68 6.71
CA TYR A 190 -0.55 -22.84 7.66
C TYR A 190 0.91 -22.57 7.26
N THR A 191 1.50 -23.40 6.40
CA THR A 191 2.82 -23.09 5.88
C THR A 191 2.84 -21.71 5.24
N ASN A 192 1.86 -21.42 4.38
CA ASN A 192 1.80 -20.14 3.71
C ASN A 192 1.53 -19.00 4.68
N TRP A 193 0.64 -19.21 5.66
CA TRP A 193 0.38 -18.16 6.65
C TRP A 193 1.64 -17.81 7.45
N ILE A 194 2.56 -18.76 7.62
CA ILE A 194 3.80 -18.46 8.33
C ILE A 194 4.76 -17.70 7.43
N LYS A 195 4.88 -18.13 6.18
CA LYS A 195 5.72 -17.43 5.21
C LYS A 195 5.20 -16.02 4.94
N TYR A 196 3.89 -15.82 5.07
CA TYR A 196 3.36 -14.49 4.86
C TYR A 196 3.55 -13.62 6.09
N ALA A 197 3.45 -14.23 7.29
CA ALA A 197 3.67 -13.46 8.50
C ALA A 197 5.12 -13.03 8.59
N ASN A 198 6.03 -13.90 8.14
CA ASN A 198 7.44 -13.53 8.01
C ASN A 198 7.62 -12.38 7.02
N SER A 199 6.99 -12.48 5.86
CA SER A 199 7.12 -11.42 4.86
C SER A 199 6.54 -10.10 5.36
N LEU A 200 5.38 -10.17 6.01
CA LEU A 200 4.78 -8.97 6.59
C LEU A 200 5.71 -8.34 7.63
N ARG A 201 6.31 -9.17 8.51
CA ARG A 201 7.27 -8.64 9.49
C ARG A 201 8.47 -8.02 8.80
N LEU A 202 8.94 -8.63 7.71
CA LEU A 202 10.06 -8.07 6.96
C LEU A 202 9.70 -6.71 6.36
N ARG A 203 8.43 -6.57 5.92
CA ARG A 203 7.96 -5.29 5.40
C ARG A 203 8.01 -4.22 6.49
N LEU A 204 7.46 -4.51 7.67
CA LEU A 204 7.45 -3.53 8.76
C LEU A 204 8.87 -3.21 9.23
N ALA A 205 9.77 -4.20 9.19
CA ALA A 205 11.16 -3.93 9.57
C ALA A 205 11.80 -2.97 8.57
N ILE A 206 11.60 -3.22 7.28
CA ILE A 206 12.06 -2.28 6.26
C ILE A 206 11.49 -0.88 6.52
N ARG A 207 10.25 -0.80 7.00
CA ARG A 207 9.64 0.52 7.22
C ARG A 207 10.30 1.27 8.37
N ILE A 208 10.68 0.57 9.46
CA ILE A 208 11.30 1.28 10.57
C ILE A 208 12.81 1.27 10.41
N SER A 209 13.31 1.02 9.19
CA SER A 209 14.75 0.84 9.04
C SER A 209 15.51 2.13 9.28
N LYS A 210 15.00 3.28 8.81
CA LYS A 210 15.70 4.54 9.07
C LYS A 210 15.55 5.00 10.53
N VAL A 211 14.35 4.89 11.11
CA VAL A 211 14.07 5.49 12.42
C VAL A 211 14.59 4.63 13.59
N SER A 212 14.69 3.31 13.41
CA SER A 212 14.99 2.38 14.51
C SER A 212 15.83 1.25 13.96
N PRO A 213 17.08 1.54 13.58
CA PRO A 213 17.82 0.60 12.72
C PRO A 213 18.20 -0.69 13.43
N ALA A 214 18.40 -0.68 14.76
CA ALA A 214 18.74 -1.92 15.43
C ALA A 214 17.53 -2.82 15.56
N LYS A 215 16.39 -2.25 15.93
CA LYS A 215 15.15 -3.01 15.97
C LYS A 215 14.79 -3.53 14.58
N ALA A 216 14.93 -2.69 13.54
CA ALA A 216 14.61 -3.14 12.18
C ALA A 216 15.47 -4.34 11.77
N LYS A 217 16.79 -4.21 11.94
CA LYS A 217 17.69 -5.33 11.62
C LYS A 217 17.32 -6.57 12.41
N SER A 218 17.03 -6.41 13.70
CA SER A 218 16.64 -7.55 14.52
C SER A 218 15.40 -8.23 13.96
N GLU A 219 14.32 -7.45 13.78
CA GLU A 219 13.07 -8.02 13.28
C GLU A 219 13.22 -8.56 11.87
N GLY A 220 13.94 -7.81 11.01
CA GLY A 220 14.16 -8.28 9.65
C GLY A 220 14.85 -9.62 9.61
N GLU A 221 15.89 -9.79 10.45
CA GLU A 221 16.65 -11.04 10.42
C GLU A 221 15.84 -12.20 10.99
N LYS A 222 14.97 -11.93 11.97
CA LYS A 222 14.08 -12.97 12.48
C LYS A 222 13.27 -13.62 11.37
N SER A 223 12.77 -12.83 10.43
CA SER A 223 12.01 -13.46 9.35
C SER A 223 12.92 -14.01 8.25
N LEU A 224 14.07 -13.39 8.00
CA LEU A 224 14.97 -13.87 6.94
C LEU A 224 15.62 -15.20 7.29
N ASN A 225 15.82 -15.49 8.57
CA ASN A 225 16.48 -16.71 8.99
C ASN A 225 15.51 -17.73 9.59
N HIS A 226 14.21 -17.46 9.55
CA HIS A 226 13.23 -18.48 9.93
C HIS A 226 13.37 -19.67 8.99
N SER A 227 13.22 -20.88 9.56
CA SER A 227 13.45 -22.10 8.78
C SER A 227 12.59 -22.13 7.53
N LEU A 228 11.39 -21.57 7.59
CA LEU A 228 10.51 -21.57 6.43
C LEU A 228 10.60 -20.26 5.65
N GLY A 229 11.31 -19.25 6.16
CA GLY A 229 11.67 -18.08 5.35
C GLY A 229 10.49 -17.22 4.94
N VAL A 230 10.61 -16.61 3.76
CA VAL A 230 9.64 -15.62 3.27
C VAL A 230 9.01 -16.14 1.97
N ILE A 231 7.97 -15.44 1.52
CA ILE A 231 7.34 -15.78 0.24
C ILE A 231 8.37 -15.64 -0.88
N GLU A 232 8.47 -16.66 -1.74
CA GLU A 232 9.33 -16.58 -2.92
C GLU A 232 8.70 -17.08 -4.22
N THR A 233 7.53 -17.71 -4.20
CA THR A 233 6.87 -18.13 -5.42
C THR A 233 5.56 -17.36 -5.58
N ASN A 234 5.11 -17.18 -6.82
CA ASN A 234 3.91 -16.38 -7.01
C ASN A 234 2.67 -16.98 -6.33
N PRO A 235 2.44 -18.31 -6.35
CA PRO A 235 1.25 -18.83 -5.64
C PRO A 235 1.27 -18.59 -4.13
N ASP A 236 2.43 -18.29 -3.54
CA ASP A 236 2.52 -18.03 -2.11
C ASP A 236 2.26 -16.56 -1.77
N GLY A 237 2.09 -15.71 -2.76
CA GLY A 237 1.67 -14.35 -2.48
C GLY A 237 0.40 -14.32 -1.68
N PHE A 238 0.15 -13.21 -0.99
CA PHE A 238 -1.03 -13.05 -0.16
C PHE A 238 -2.09 -12.32 -1.00
N PHE A 239 -3.19 -13.00 -1.28
CA PHE A 239 -4.33 -12.45 -2.02
C PHE A 239 -5.62 -12.85 -1.31
N VAL A 240 -6.67 -12.05 -1.49
CA VAL A 240 -8.01 -12.47 -1.06
C VAL A 240 -8.70 -13.05 -2.29
N ASN A 241 -8.89 -14.37 -2.30
CA ASN A 241 -9.55 -15.02 -3.43
C ASN A 241 -11.05 -14.87 -3.20
N GLY A 242 -11.53 -13.66 -3.49
CA GLY A 242 -12.88 -13.28 -3.16
C GLY A 242 -13.86 -13.68 -4.22
N THR A 243 -15.13 -13.44 -3.92
CA THR A 243 -16.23 -13.63 -4.86
C THR A 243 -16.80 -12.32 -5.38
N LEU A 244 -16.83 -11.29 -4.56
CA LEU A 244 -17.41 -10.03 -5.00
C LEU A 244 -16.54 -9.38 -6.08
N ASP A 245 -17.18 -8.51 -6.84
CA ASP A 245 -16.47 -7.76 -7.86
C ASP A 245 -15.37 -6.90 -7.24
N HIS A 246 -14.28 -6.73 -7.96
CA HIS A 246 -13.24 -5.82 -7.52
C HIS A 246 -13.83 -4.42 -7.35
N PRO A 247 -13.63 -3.77 -6.19
CA PRO A 247 -14.19 -2.42 -6.03
C PRO A 247 -13.77 -1.46 -7.12
N VAL A 248 -12.55 -1.61 -7.66
CA VAL A 248 -12.05 -0.66 -8.64
C VAL A 248 -12.67 -0.91 -10.02
N ARG A 249 -13.25 -2.08 -10.26
CA ARG A 249 -14.01 -2.26 -11.50
C ARG A 249 -15.15 -1.25 -11.60
N THR A 250 -15.87 -1.03 -10.51
CA THR A 250 -16.92 -0.03 -10.54
C THR A 250 -16.34 1.35 -10.79
N ILE A 251 -15.28 1.70 -10.04
CA ILE A 251 -14.68 3.03 -10.15
C ILE A 251 -14.06 3.22 -11.54
N ASN A 252 -13.28 2.24 -11.99
CA ASN A 252 -12.64 2.33 -13.30
C ASN A 252 -13.68 2.26 -14.43
N ASN A 253 -14.50 1.20 -14.45
CA ASN A 253 -15.28 0.88 -15.64
C ASN A 253 -16.70 1.42 -15.59
N SER A 254 -17.40 1.27 -14.46
CA SER A 254 -18.73 1.85 -14.36
C SER A 254 -18.66 3.37 -14.26
N TRP A 255 -17.86 3.89 -13.33
CA TRP A 255 -17.92 5.31 -13.01
C TRP A 255 -16.99 6.18 -13.85
N GLY A 256 -16.00 5.58 -14.52
CA GLY A 256 -14.97 6.38 -15.18
C GLY A 256 -14.25 7.35 -14.26
N ASP A 257 -14.16 6.99 -12.98
CA ASP A 257 -13.71 7.96 -11.98
C ASP A 257 -12.25 7.79 -11.56
N ILE A 258 -11.52 6.86 -12.18
CA ILE A 258 -10.09 6.70 -11.90
C ILE A 258 -9.40 6.24 -13.18
N ARG A 259 -8.20 6.78 -13.43
CA ARG A 259 -7.47 6.46 -14.65
C ARG A 259 -5.98 6.39 -14.33
N MET A 260 -5.20 6.04 -15.35
CA MET A 260 -3.75 6.01 -15.24
C MET A 260 -3.18 7.35 -14.79
N ASN A 261 -2.18 7.31 -13.90
CA ASN A 261 -1.45 8.50 -13.46
C ASN A 261 -0.29 8.81 -14.40
N ALA A 262 0.05 10.11 -14.47
CA ALA A 262 1.15 10.54 -15.33
C ALA A 262 2.47 9.91 -14.90
N SER A 263 2.68 9.76 -13.58
CA SER A 263 3.91 9.13 -13.12
C SER A 263 4.02 7.69 -13.60
N MET A 264 2.92 6.93 -13.53
CA MET A 264 2.94 5.60 -14.12
C MET A 264 3.27 5.65 -15.62
N GLU A 265 2.78 6.67 -16.34
CA GLU A 265 3.07 6.71 -17.77
C GLU A 265 4.53 7.04 -18.02
N SER A 266 5.07 8.02 -17.28
CA SER A 266 6.48 8.34 -17.40
C SER A 266 7.35 7.10 -17.21
N ILE A 267 7.13 6.36 -16.13
CA ILE A 267 8.03 5.26 -15.77
C ILE A 267 7.76 4.01 -16.63
N LEU A 268 6.50 3.62 -16.78
CA LEU A 268 6.20 2.39 -17.53
C LEU A 268 6.53 2.53 -19.01
N VAL A 269 6.11 3.63 -19.65
CA VAL A 269 6.36 3.81 -21.09
C VAL A 269 7.86 4.03 -21.36
N GLY A 270 8.52 4.84 -20.54
CA GLY A 270 9.95 5.05 -20.77
C GLY A 270 10.74 3.76 -20.72
N TYR A 271 10.45 2.92 -19.72
CA TYR A 271 11.08 1.62 -19.61
C TYR A 271 10.62 0.63 -20.67
N GLU A 272 9.60 0.97 -21.48
CA GLU A 272 8.96 -0.01 -22.37
C GLU A 272 8.60 -1.28 -21.60
N ASP A 273 7.99 -1.08 -20.42
CA ASP A 273 7.69 -2.18 -19.52
C ASP A 273 6.47 -2.94 -20.04
N PRO A 274 6.57 -4.26 -20.26
CA PRO A 274 5.40 -5.02 -20.70
C PRO A 274 4.27 -5.04 -19.69
N ARG A 275 4.52 -4.69 -18.44
CA ARG A 275 3.43 -4.62 -17.48
C ARG A 275 2.44 -3.50 -17.77
N VAL A 276 2.82 -2.51 -18.59
CA VAL A 276 1.90 -1.43 -18.88
C VAL A 276 0.62 -1.98 -19.50
N ASP A 277 0.72 -3.03 -20.33
CA ASP A 277 -0.49 -3.62 -20.92
C ASP A 277 -1.15 -4.64 -20.00
N SER A 278 -0.45 -5.13 -18.97
CA SER A 278 -1.14 -5.87 -17.92
C SER A 278 -1.89 -4.93 -16.98
N TYR A 279 -1.38 -3.70 -16.82
CA TYR A 279 -1.92 -2.77 -15.84
C TYR A 279 -2.93 -1.81 -16.44
N PHE A 280 -2.75 -1.45 -17.70
CA PHE A 280 -3.58 -0.42 -18.27
C PHE A 280 -3.96 -0.81 -19.69
N ASN A 281 -4.90 -0.06 -20.23
CA ASN A 281 -5.35 -0.20 -21.60
C ASN A 281 -4.86 1.01 -22.37
N ALA A 282 -4.55 0.79 -23.65
CA ALA A 282 -4.33 1.90 -24.56
C ALA A 282 -5.46 2.90 -24.41
N SER A 283 -5.10 4.19 -24.48
CA SER A 283 -6.04 5.26 -24.24
C SER A 283 -6.82 5.61 -25.50
N GLU A 284 -7.94 6.28 -25.30
CA GLU A 284 -8.72 6.85 -26.39
C GLU A 284 -8.22 8.24 -26.78
N VAL A 285 -7.65 8.98 -25.82
CA VAL A 285 -7.25 10.34 -26.12
C VAL A 285 -6.06 10.37 -27.07
N VAL A 286 -5.16 9.37 -26.99
CA VAL A 286 -4.09 9.21 -27.97
C VAL A 286 -4.07 7.73 -28.39
N GLU A 287 -4.58 7.43 -29.58
CA GLU A 287 -4.83 6.04 -29.95
C GLU A 287 -3.54 5.24 -30.00
N GLY A 288 -3.60 4.04 -29.43
CA GLY A 288 -2.48 3.14 -29.42
C GLY A 288 -1.39 3.47 -28.44
N GLU A 289 -1.57 4.47 -27.58
CA GLU A 289 -0.58 4.85 -26.59
C GLU A 289 -1.23 4.88 -25.20
N PHE A 290 -0.41 4.67 -24.18
CA PHE A 290 -0.88 4.71 -22.80
C PHE A 290 -0.72 6.13 -22.27
N LYS A 291 -1.79 6.67 -21.69
CA LYS A 291 -1.80 8.07 -21.27
C LYS A 291 -2.30 8.17 -19.84
N GLY A 292 -1.51 8.83 -18.99
CA GLY A 292 -1.90 9.11 -17.63
C GLY A 292 -2.20 10.59 -17.42
N ILE A 293 -2.79 10.87 -16.26
CA ILE A 293 -3.18 12.21 -15.87
C ILE A 293 -2.33 12.66 -14.69
N ARG A 294 -1.95 13.95 -14.67
CA ARG A 294 -1.32 14.50 -13.48
C ARG A 294 -2.34 14.50 -12.33
N ASN A 295 -1.98 13.89 -11.21
CA ASN A 295 -2.83 14.03 -10.05
C ASN A 295 -2.65 15.43 -9.46
N GLY A 296 -3.65 15.87 -8.72
CA GLY A 296 -3.64 17.19 -8.14
C GLY A 296 -4.04 18.30 -9.09
N LEU A 297 -4.71 17.98 -10.19
CA LEU A 297 -5.22 19.02 -11.06
C LEU A 297 -6.32 19.79 -10.34
N PRO A 298 -6.30 21.14 -10.39
CA PRO A 298 -7.47 21.90 -9.93
C PRO A 298 -8.58 21.77 -10.94
N LEU A 299 -9.71 22.42 -10.68
CA LEU A 299 -10.63 22.77 -11.76
C LEU A 299 -9.93 23.83 -12.61
N LEU A 300 -9.48 23.43 -13.80
CA LEU A 300 -8.74 24.34 -14.66
C LEU A 300 -9.65 25.42 -15.26
N SER A 301 -9.01 26.47 -15.76
CA SER A 301 -9.73 27.65 -16.26
C SER A 301 -10.50 27.35 -17.53
N GLU A 302 -9.97 26.47 -18.37
CA GLU A 302 -10.62 26.13 -19.63
C GLU A 302 -11.93 25.39 -19.44
N TYR A 303 -12.26 24.99 -18.22
CA TYR A 303 -13.48 24.22 -17.95
C TYR A 303 -14.36 24.99 -16.99
N ASP A 304 -15.64 25.06 -17.32
CA ASP A 304 -16.55 25.81 -16.49
C ASP A 304 -17.00 25.03 -15.26
N ASP A 305 -16.92 23.69 -15.27
CA ASP A 305 -17.17 22.93 -14.05
C ASP A 305 -16.47 21.57 -14.14
N GLU A 306 -16.48 20.84 -13.03
CA GLU A 306 -15.74 19.58 -12.97
C GLU A 306 -16.24 18.55 -13.98
N LEU A 307 -17.50 18.64 -14.40
CA LEU A 307 -17.98 17.63 -15.34
C LEU A 307 -17.43 17.88 -16.75
N ALA A 308 -17.30 19.14 -17.16
CA ALA A 308 -16.64 19.43 -18.44
C ALA A 308 -15.16 19.04 -18.42
N GLN A 309 -14.50 19.20 -17.27
CA GLN A 309 -13.12 18.75 -17.17
C GLN A 309 -13.02 17.23 -17.24
N LYS A 310 -13.84 16.52 -16.47
CA LYS A 310 -13.83 15.05 -16.54
C LYS A 310 -14.06 14.58 -17.98
N ALA A 311 -14.91 15.29 -18.72
CA ALA A 311 -15.24 14.89 -20.09
C ALA A 311 -14.00 14.78 -20.98
N ASP A 312 -13.01 15.66 -20.77
CA ASP A 312 -11.79 15.66 -21.57
C ASP A 312 -10.70 14.76 -21.01
N TYR A 313 -10.88 14.24 -19.79
CA TYR A 313 -9.86 13.43 -19.16
C TYR A 313 -10.28 11.99 -18.94
N ILE A 314 -11.57 11.68 -19.09
CA ILE A 314 -12.04 10.32 -19.02
C ILE A 314 -11.47 9.47 -20.15
N THR A 315 -10.93 10.09 -21.19
CA THR A 315 -10.41 9.41 -22.37
C THR A 315 -8.98 8.89 -22.21
N PHE A 316 -8.32 9.17 -21.09
CA PHE A 316 -6.99 8.64 -20.86
C PHE A 316 -7.09 7.15 -20.48
N SER A 317 -5.95 6.53 -20.19
CA SER A 317 -5.89 5.08 -20.05
C SER A 317 -6.74 4.59 -18.89
N LEU A 318 -7.64 3.65 -19.19
CA LEU A 318 -8.30 2.87 -18.15
C LEU A 318 -7.31 1.89 -17.51
N LEU A 319 -7.59 1.53 -16.26
CA LEU A 319 -6.97 0.35 -15.70
C LEU A 319 -7.46 -0.87 -16.48
N SER A 320 -6.62 -1.90 -16.53
CA SER A 320 -6.91 -3.07 -17.36
C SER A 320 -7.67 -4.13 -16.57
N ASP A 321 -8.41 -4.98 -17.28
CA ASP A 321 -9.25 -5.98 -16.62
C ASP A 321 -8.41 -6.94 -15.77
N GLU A 322 -7.19 -7.28 -16.20
CA GLU A 322 -6.41 -8.31 -15.52
C GLU A 322 -6.09 -7.97 -14.08
N VAL A 323 -6.07 -6.68 -13.71
CA VAL A 323 -5.75 -6.31 -12.34
C VAL A 323 -6.99 -6.02 -11.51
N LEU A 324 -8.19 -6.24 -12.08
CA LEU A 324 -9.45 -5.92 -11.43
C LEU A 324 -10.37 -7.15 -11.38
N THR A 325 -9.81 -8.32 -11.10
CA THR A 325 -10.62 -9.52 -10.88
C THR A 325 -11.16 -9.52 -9.45
N PRO A 326 -12.02 -10.49 -9.11
CA PRO A 326 -12.39 -10.64 -7.68
C PRO A 326 -11.22 -10.99 -6.77
N ARG A 327 -10.05 -11.32 -7.31
CA ARG A 327 -8.87 -11.66 -6.51
C ARG A 327 -8.09 -10.39 -6.14
N VAL A 328 -8.16 -9.99 -4.87
CA VAL A 328 -7.58 -8.73 -4.40
C VAL A 328 -6.14 -8.95 -3.96
N GLN A 329 -5.25 -8.05 -4.37
CA GLN A 329 -3.81 -8.20 -4.15
C GLN A 329 -3.40 -7.46 -2.88
N LEU A 330 -2.74 -8.19 -1.94
CA LEU A 330 -2.21 -7.59 -0.72
C LEU A 330 -0.69 -7.71 -0.58
N MET A 331 -0.07 -8.80 -1.04
CA MET A 331 1.40 -8.91 -1.02
C MET A 331 1.86 -9.86 -2.12
N THR A 332 2.57 -9.31 -3.09
CA THR A 332 3.16 -10.10 -4.17
C THR A 332 4.47 -10.73 -3.70
N ALA A 333 4.80 -11.87 -4.30
CA ALA A 333 6.14 -12.41 -4.13
C ALA A 333 7.20 -11.46 -4.67
N ALA A 334 6.89 -10.71 -5.72
CA ALA A 334 7.81 -9.68 -6.20
C ALA A 334 8.22 -8.74 -5.08
N GLU A 335 7.24 -8.19 -4.37
CA GLU A 335 7.56 -7.27 -3.28
C GLU A 335 8.59 -7.86 -2.33
N VAL A 336 8.41 -9.12 -1.95
CA VAL A 336 9.29 -9.71 -0.94
C VAL A 336 10.74 -9.75 -1.42
N PHE A 337 10.96 -10.02 -2.73
CA PHE A 337 12.31 -10.01 -3.28
C PHE A 337 12.95 -8.62 -3.24
N PHE A 338 12.13 -7.55 -3.32
CA PHE A 338 12.69 -6.21 -3.23
C PHE A 338 12.95 -5.82 -1.78
N LEU A 339 12.07 -6.26 -0.87
CA LEU A 339 12.36 -6.17 0.55
C LEU A 339 13.66 -6.89 0.90
N LYS A 340 13.94 -7.99 0.22
CA LYS A 340 15.21 -8.68 0.40
C LYS A 340 16.37 -7.89 -0.22
N ALA A 341 16.13 -7.23 -1.36
CA ALA A 341 17.17 -6.40 -1.96
C ALA A 341 17.61 -5.29 -1.01
N GLU A 342 16.65 -4.59 -0.40
CA GLU A 342 17.02 -3.52 0.53
C GLU A 342 17.61 -4.07 1.82
N ALA A 343 17.11 -5.21 2.29
CA ALA A 343 17.66 -5.84 3.47
C ALA A 343 19.14 -6.14 3.26
N ALA A 344 19.48 -6.72 2.10
CA ALA A 344 20.88 -6.98 1.78
C ALA A 344 21.68 -5.69 1.65
N LEU A 345 21.14 -4.70 0.93
CA LEU A 345 21.84 -3.42 0.82
C LEU A 345 22.20 -2.87 2.19
N ARG A 346 21.33 -3.09 3.19
CA ARG A 346 21.54 -2.64 4.56
C ARG A 346 22.33 -3.64 5.41
N GLY A 347 22.70 -4.80 4.86
CA GLY A 347 23.60 -5.71 5.54
C GLY A 347 22.94 -6.67 6.52
N TRP A 348 21.65 -6.92 6.39
CA TRP A 348 20.96 -7.79 7.33
C TRP A 348 21.32 -9.25 7.02
N SER A 349 21.56 -10.02 8.07
CA SER A 349 22.08 -11.37 7.88
C SER A 349 21.00 -12.27 7.27
N GLY A 350 21.39 -13.05 6.27
CA GLY A 350 20.46 -13.94 5.60
C GLY A 350 19.65 -13.32 4.49
N ALA A 351 19.92 -12.07 4.11
CA ALA A 351 19.19 -11.43 3.02
C ALA A 351 19.63 -11.90 1.63
N GLY A 352 20.79 -12.52 1.50
CA GLY A 352 21.29 -12.90 0.18
C GLY A 352 21.99 -11.74 -0.50
N ASP A 353 22.02 -11.81 -1.83
CA ASP A 353 22.78 -10.86 -2.65
C ASP A 353 21.86 -9.75 -3.19
N THR A 354 22.32 -8.51 -3.09
CA THR A 354 21.45 -7.37 -3.39
C THR A 354 20.98 -7.40 -4.84
N ARG A 355 21.92 -7.50 -5.78
CA ARG A 355 21.58 -7.54 -7.19
C ARG A 355 20.67 -8.72 -7.52
N THR A 356 20.99 -9.90 -6.98
CA THR A 356 20.24 -11.10 -7.32
C THR A 356 18.77 -10.94 -6.93
N ASN A 357 18.53 -10.39 -5.75
CA ASN A 357 17.15 -10.19 -5.28
C ASN A 357 16.44 -9.16 -6.14
N TYR A 358 17.14 -8.07 -6.49
CA TYR A 358 16.54 -7.07 -7.36
C TYR A 358 16.09 -7.69 -8.68
N GLU A 359 17.02 -8.37 -9.36
CA GLU A 359 16.68 -8.97 -10.65
C GLU A 359 15.56 -10.00 -10.51
N GLN A 360 15.64 -10.84 -9.46
CA GLN A 360 14.57 -11.81 -9.23
C GLN A 360 13.24 -11.13 -8.90
N GLY A 361 13.28 -9.99 -8.20
CA GLY A 361 12.07 -9.24 -7.96
C GLY A 361 11.36 -8.88 -9.24
N ILE A 362 12.11 -8.39 -10.24
CA ILE A 362 11.53 -8.04 -11.53
C ILE A 362 11.05 -9.30 -12.24
N THR A 363 11.86 -10.37 -12.18
CA THR A 363 11.48 -11.64 -12.80
C THR A 363 10.16 -12.14 -12.25
N THR A 364 10.03 -12.13 -10.92
CA THR A 364 8.83 -12.66 -10.28
C THR A 364 7.61 -11.83 -10.64
N SER A 365 7.79 -10.53 -10.89
CA SER A 365 6.69 -9.68 -11.30
C SER A 365 6.22 -10.00 -12.72
N PHE A 366 7.17 -10.21 -13.65
CA PHE A 366 6.81 -10.58 -15.02
C PHE A 366 6.04 -11.89 -15.02
N GLN A 367 6.60 -12.92 -14.37
CA GLN A 367 5.95 -14.23 -14.25
C GLN A 367 4.55 -14.11 -13.71
N GLN A 368 4.33 -13.25 -12.71
CA GLN A 368 2.99 -13.04 -12.17
C GLN A 368 1.99 -12.77 -13.28
N TYR A 369 2.41 -12.06 -14.33
CA TYR A 369 1.56 -11.71 -15.46
C TYR A 369 1.89 -12.52 -16.71
N GLY A 370 2.65 -13.60 -16.57
CA GLY A 370 2.94 -14.47 -17.69
C GLY A 370 3.69 -13.81 -18.82
N LEU A 371 4.48 -12.78 -18.53
CA LEU A 371 5.11 -11.94 -19.55
C LEU A 371 6.53 -12.43 -19.87
N SER A 372 6.89 -12.29 -21.14
CA SER A 372 8.22 -12.65 -21.60
C SER A 372 9.06 -11.39 -21.77
N GLY A 373 10.31 -11.60 -22.19
CA GLY A 373 11.22 -10.50 -22.39
C GLY A 373 11.97 -10.06 -21.15
N ILE A 374 12.09 -10.94 -20.14
CA ILE A 374 12.71 -10.52 -18.88
C ILE A 374 14.21 -10.30 -19.06
N SER A 375 14.88 -11.15 -19.85
CA SER A 375 16.34 -11.07 -19.96
C SER A 375 16.76 -9.75 -20.57
N GLU A 376 16.02 -9.29 -21.58
CA GLU A 376 16.33 -8.02 -22.23
C GLU A 376 16.06 -6.85 -21.29
N TYR A 377 15.00 -6.97 -20.47
CA TYR A 377 14.59 -5.86 -19.62
C TYR A 377 15.60 -5.60 -18.51
N ILE A 378 16.05 -6.65 -17.84
CA ILE A 378 16.93 -6.47 -16.69
C ILE A 378 18.36 -6.10 -17.10
N ALA A 379 18.72 -6.31 -18.37
CA ALA A 379 20.02 -5.90 -18.89
C ALA A 379 20.01 -4.51 -19.53
N ASN A 380 18.85 -3.87 -19.64
CA ASN A 380 18.77 -2.58 -20.31
C ASN A 380 19.23 -1.45 -19.39
N ASN A 381 20.20 -0.68 -19.85
CA ASN A 381 20.73 0.46 -19.11
C ASN A 381 20.63 1.76 -19.91
N THR A 382 19.89 1.79 -21.00
CA THR A 382 19.72 3.01 -21.78
C THR A 382 18.35 3.66 -21.60
N ARG A 383 17.32 2.89 -21.24
CA ARG A 383 15.98 3.47 -21.13
C ARG A 383 15.80 4.18 -19.79
N THR A 384 15.17 5.34 -19.85
CA THR A 384 14.84 6.16 -18.71
C THR A 384 13.38 6.57 -18.79
N PRO A 385 12.78 6.97 -17.68
CA PRO A 385 11.39 7.47 -17.74
C PRO A 385 11.27 8.69 -18.65
N ILE A 386 10.20 8.72 -19.46
CA ILE A 386 10.03 9.77 -20.44
C ILE A 386 9.41 11.01 -19.81
N ASP A 387 9.61 12.16 -20.46
CA ASP A 387 8.89 13.37 -20.09
C ASP A 387 7.39 13.13 -20.20
N TYR A 388 6.62 13.78 -19.32
CA TYR A 388 5.18 13.63 -19.35
C TYR A 388 4.53 14.77 -20.12
N VAL A 389 3.65 14.44 -21.06
CA VAL A 389 2.94 15.43 -21.85
C VAL A 389 1.44 15.18 -21.76
N ASP A 390 0.68 16.25 -21.56
CA ASP A 390 -0.77 16.20 -21.46
C ASP A 390 -1.34 16.80 -22.74
N PRO A 391 -1.91 16.00 -23.63
CA PRO A 391 -2.38 16.53 -24.93
C PRO A 391 -3.56 17.48 -24.81
N VAL A 392 -4.28 17.47 -23.70
CA VAL A 392 -5.45 18.34 -23.53
C VAL A 392 -5.03 19.72 -23.02
N THR A 393 -4.16 19.72 -22.00
CA THR A 393 -3.73 20.93 -21.32
C THR A 393 -2.21 20.87 -21.26
N PRO A 394 -1.53 21.37 -22.28
CA PRO A 394 -0.05 21.24 -22.30
C PRO A 394 0.65 22.05 -21.21
N ALA A 395 -0.06 22.93 -20.48
CA ALA A 395 0.54 23.53 -19.29
C ALA A 395 0.87 22.49 -18.24
N ASN A 396 0.29 21.29 -18.35
CA ASN A 396 0.50 20.22 -17.38
C ASN A 396 1.78 19.44 -17.64
N ASN A 397 2.47 19.72 -18.75
CA ASN A 397 3.65 18.95 -19.12
C ASN A 397 4.75 19.16 -18.08
N ILE A 398 5.61 18.15 -17.93
CA ILE A 398 6.69 18.19 -16.95
C ILE A 398 7.76 17.19 -17.37
N ASN A 399 9.01 17.60 -17.22
CA ASN A 399 10.13 16.69 -17.45
C ASN A 399 10.11 15.58 -16.41
N ALA A 400 10.42 14.36 -16.86
CA ALA A 400 10.57 13.24 -15.94
C ALA A 400 11.45 13.61 -14.75
N LEU A 401 10.96 13.32 -13.54
CA LEU A 401 11.77 13.51 -12.35
C LEU A 401 12.69 12.32 -12.12
N SER A 402 12.20 11.11 -12.37
CA SER A 402 13.01 9.91 -12.25
C SER A 402 13.91 9.77 -13.46
N THR A 403 15.21 9.62 -13.23
CA THR A 403 16.16 9.42 -14.31
C THR A 403 16.91 8.09 -14.21
N ILE A 404 16.51 7.20 -13.30
CA ILE A 404 17.27 5.98 -13.06
C ILE A 404 17.00 4.97 -14.17
N THR A 405 18.03 4.17 -14.46
CA THR A 405 17.95 3.12 -15.46
C THR A 405 17.68 1.77 -14.78
N ILE A 406 17.39 0.75 -15.59
CA ILE A 406 16.93 -0.54 -15.06
C ILE A 406 18.10 -1.36 -14.54
N GLU A 407 19.09 -1.62 -15.39
CA GLU A 407 20.13 -2.58 -15.05
C GLU A 407 20.84 -2.19 -13.76
N TRP A 408 21.00 -3.18 -12.89
CA TRP A 408 21.74 -2.97 -11.66
C TRP A 408 23.11 -2.35 -11.94
N ASP A 409 23.46 -1.35 -11.14
CA ASP A 409 24.77 -0.69 -11.19
C ASP A 409 25.36 -0.84 -9.80
N GLU A 410 26.33 -1.75 -9.64
CA GLU A 410 26.93 -1.96 -8.33
C GLU A 410 27.74 -0.75 -7.87
N ALA A 411 28.07 0.16 -8.77
CA ALA A 411 28.88 1.33 -8.43
C ALA A 411 28.05 2.56 -8.12
N ALA A 412 26.73 2.50 -8.25
CA ALA A 412 25.90 3.63 -7.88
C ALA A 412 25.89 3.83 -6.37
N SER A 413 25.59 5.05 -5.95
CA SER A 413 25.55 5.33 -4.52
C SER A 413 24.40 4.59 -3.85
N ASN A 414 24.42 4.60 -2.52
CA ASN A 414 23.40 3.91 -1.75
C ASN A 414 22.02 4.49 -2.03
N GLU A 415 21.93 5.80 -2.23
CA GLU A 415 20.66 6.40 -2.61
C GLU A 415 20.19 5.89 -3.97
N GLU A 416 21.06 5.92 -4.98
CA GLU A 416 20.65 5.45 -6.31
C GLU A 416 20.28 3.97 -6.28
N LYS A 417 21.04 3.18 -5.54
CA LYS A 417 20.73 1.76 -5.41
C LYS A 417 19.35 1.55 -4.78
N LEU A 418 19.10 2.23 -3.65
CA LEU A 418 17.79 2.17 -3.02
C LEU A 418 16.70 2.64 -3.98
N GLU A 419 16.95 3.74 -4.71
CA GLU A 419 15.97 4.22 -5.68
C GLU A 419 15.63 3.13 -6.70
N ARG A 420 16.65 2.45 -7.26
CA ARG A 420 16.39 1.40 -8.22
C ARG A 420 15.52 0.30 -7.60
N ILE A 421 15.84 -0.07 -6.35
CA ILE A 421 15.05 -1.07 -5.62
C ILE A 421 13.62 -0.59 -5.43
N ILE A 422 13.45 0.61 -4.88
CA ILE A 422 12.10 1.09 -4.56
C ILE A 422 11.32 1.40 -5.82
N THR A 423 11.99 1.77 -6.91
CA THR A 423 11.26 2.05 -8.13
C THR A 423 10.72 0.77 -8.76
N GLN A 424 11.49 -0.29 -8.73
CA GLN A 424 10.93 -1.50 -9.32
C GLN A 424 9.91 -2.14 -8.40
N LYS A 425 10.08 -1.98 -7.08
CA LYS A 425 9.05 -2.45 -6.17
C LYS A 425 7.73 -1.75 -6.44
N TRP A 426 7.80 -0.46 -6.75
CA TRP A 426 6.62 0.37 -7.00
C TRP A 426 5.84 -0.12 -8.22
N ILE A 427 6.55 -0.41 -9.33
CA ILE A 427 5.89 -1.06 -10.46
C ILE A 427 5.21 -2.35 -10.00
N ALA A 428 5.92 -3.15 -9.17
CA ALA A 428 5.45 -4.48 -8.79
C ALA A 428 4.30 -4.44 -7.77
N LEU A 429 4.22 -3.40 -6.93
CA LEU A 429 3.15 -3.30 -5.94
C LEU A 429 1.79 -2.96 -6.55
N PHE A 430 1.76 -2.46 -7.79
CA PHE A 430 0.50 -2.05 -8.40
C PHE A 430 -0.50 -3.21 -8.40
N PRO A 431 -1.78 -2.95 -8.11
CA PRO A 431 -2.44 -1.66 -7.89
C PRO A 431 -2.64 -1.26 -6.43
N GLU A 432 -1.86 -1.82 -5.50
CA GLU A 432 -2.09 -1.58 -4.08
C GLU A 432 -1.43 -0.26 -3.67
N GLY A 433 -2.20 0.83 -3.80
CA GLY A 433 -1.66 2.16 -3.59
C GLY A 433 -1.12 2.40 -2.19
N GLN A 434 -1.62 1.67 -1.18
CA GLN A 434 -1.29 2.05 0.19
C GLN A 434 0.14 1.71 0.54
N GLU A 435 0.60 0.50 0.20
CA GLU A 435 1.98 0.14 0.49
C GLU A 435 2.96 0.99 -0.30
N ALA A 436 2.62 1.34 -1.54
CA ALA A 436 3.53 2.14 -2.35
C ALA A 436 3.55 3.59 -1.89
N TRP A 437 2.44 4.07 -1.31
CA TRP A 437 2.40 5.43 -0.78
C TRP A 437 3.25 5.57 0.47
N SER A 438 3.23 4.54 1.34
CA SER A 438 4.08 4.53 2.52
C SER A 438 5.55 4.51 2.11
N GLU A 439 5.90 3.67 1.13
CA GLU A 439 7.27 3.54 0.70
C GLU A 439 7.77 4.80 0.02
N TYR A 440 6.91 5.45 -0.77
CA TYR A 440 7.30 6.74 -1.35
C TYR A 440 7.61 7.76 -0.27
N ARG A 441 6.70 7.91 0.71
CA ARG A 441 6.93 8.85 1.79
C ARG A 441 8.18 8.49 2.61
N ARG A 442 8.47 7.19 2.78
CA ARG A 442 9.63 6.77 3.56
C ARG A 442 10.94 7.07 2.84
N THR A 443 11.00 6.77 1.54
CA THR A 443 12.25 6.82 0.79
C THR A 443 12.37 7.99 -0.16
N GLY A 444 11.25 8.63 -0.52
CA GLY A 444 11.23 9.55 -1.62
C GLY A 444 11.22 8.89 -2.97
N TYR A 445 11.06 7.57 -3.03
CA TYR A 445 11.17 6.93 -4.33
C TYR A 445 9.90 6.14 -4.66
N PRO A 446 9.56 6.00 -5.97
CA PRO A 446 10.19 6.64 -7.16
C PRO A 446 9.82 8.12 -7.20
N LYS A 447 10.48 8.93 -8.02
CA LYS A 447 10.26 10.38 -8.02
C LYS A 447 8.98 10.67 -8.82
N ILE A 448 7.85 10.47 -8.16
CA ILE A 448 6.58 10.75 -8.79
C ILE A 448 6.34 12.25 -8.87
N PHE A 449 5.59 12.66 -9.89
CA PHE A 449 5.30 14.06 -10.11
C PHE A 449 4.54 14.64 -8.91
N PRO A 450 4.83 15.88 -8.53
CA PRO A 450 4.07 16.55 -7.49
C PRO A 450 2.72 17.04 -8.03
N VAL A 451 1.90 17.55 -7.09
CA VAL A 451 0.58 18.06 -7.48
C VAL A 451 0.73 19.32 -8.32
N ILE A 452 -0.24 19.53 -9.20
CA ILE A 452 -0.30 20.75 -9.99
C ILE A 452 -0.83 21.90 -9.16
N SER A 453 -1.82 21.64 -8.30
CA SER A 453 -2.48 22.68 -7.50
C SER A 453 -2.42 22.26 -6.05
N ASN A 454 -1.78 23.07 -5.22
CA ASN A 454 -1.63 22.80 -3.79
C ASN A 454 -2.51 23.81 -3.08
N GLN A 455 -3.72 23.38 -2.71
CA GLN A 455 -4.66 24.25 -2.00
C GLN A 455 -4.62 24.04 -0.49
N SER A 456 -3.49 23.62 0.06
CA SER A 456 -3.36 23.44 1.50
C SER A 456 -3.11 24.73 2.25
N GLY A 457 -2.98 25.86 1.56
CA GLY A 457 -2.59 27.06 2.26
C GLY A 457 -1.20 27.01 2.85
N GLY A 458 -0.36 26.11 2.35
CA GLY A 458 1.00 25.96 2.85
C GLY A 458 1.17 24.90 3.91
N VAL A 459 0.08 24.27 4.33
CA VAL A 459 0.15 23.25 5.37
C VAL A 459 0.85 22.00 4.84
N VAL A 460 0.76 21.75 3.53
CA VAL A 460 1.47 20.66 2.88
C VAL A 460 2.43 21.24 1.84
N ASP A 461 3.61 20.64 1.72
CA ASP A 461 4.59 21.14 0.76
C ASP A 461 4.43 20.42 -0.57
N THR A 462 4.52 21.17 -1.67
CA THR A 462 4.32 20.59 -2.99
C THR A 462 5.41 19.57 -3.32
N ASP A 463 6.68 19.93 -3.14
CA ASP A 463 7.76 19.03 -3.55
C ASP A 463 7.95 17.87 -2.57
N LEU A 464 7.77 18.13 -1.26
CA LEU A 464 7.83 17.04 -0.30
C LEU A 464 6.61 16.14 -0.41
N GLN A 465 5.45 16.71 -0.74
CA GLN A 465 4.18 16.02 -0.91
C GLN A 465 3.61 15.60 0.45
N ILE A 466 2.36 15.10 0.42
CA ILE A 466 1.57 14.91 1.63
C ILE A 466 2.21 13.82 2.49
N ARG A 467 2.16 13.99 3.81
CA ARG A 467 2.84 13.12 4.75
C ARG A 467 1.91 12.21 5.55
N ARG A 468 0.65 12.60 5.76
CA ARG A 468 -0.26 11.81 6.62
C ARG A 468 -1.67 12.39 6.49
N ILE A 469 -2.61 11.74 7.17
CA ILE A 469 -3.99 12.22 7.25
C ILE A 469 -4.27 12.56 8.72
N PRO A 470 -4.97 13.65 9.00
CA PRO A 470 -5.22 14.00 10.41
C PRO A 470 -6.24 13.05 11.01
N PHE A 471 -6.22 12.95 12.35
CA PHE A 471 -7.17 12.10 13.05
C PHE A 471 -8.59 12.43 12.64
N VAL A 472 -9.44 11.40 12.60
CA VAL A 472 -10.68 11.46 11.82
C VAL A 472 -11.79 12.15 12.60
N ASP A 473 -12.80 12.59 11.85
CA ASP A 473 -13.91 13.35 12.43
C ASP A 473 -14.66 12.55 13.49
N SER A 474 -14.94 11.26 13.24
CA SER A 474 -15.69 10.48 14.22
C SER A 474 -14.95 10.45 15.55
N GLU A 475 -13.62 10.40 15.49
CA GLU A 475 -12.82 10.41 16.70
C GLU A 475 -12.85 11.79 17.38
N LEU A 476 -12.71 12.86 16.60
CA LEU A 476 -12.86 14.20 17.18
C LEU A 476 -14.21 14.33 17.88
N GLN A 477 -15.25 13.74 17.29
CA GLN A 477 -16.60 13.85 17.82
C GLN A 477 -16.77 13.07 19.12
N THR A 478 -16.54 11.76 19.09
CA THR A 478 -16.87 10.89 20.20
C THR A 478 -15.67 10.41 21.00
N ASN A 479 -14.44 10.73 20.59
CA ASN A 479 -13.24 10.39 21.38
C ASN A 479 -12.33 11.60 21.53
N PRO A 480 -12.85 12.74 22.02
CA PRO A 480 -12.03 13.97 22.02
C PRO A 480 -10.78 13.87 22.87
N ASP A 481 -10.89 13.30 24.07
CA ASP A 481 -9.72 13.21 24.95
C ASP A 481 -8.70 12.22 24.40
N GLY A 482 -9.16 11.07 23.90
CA GLY A 482 -8.24 10.14 23.26
C GLY A 482 -7.47 10.77 22.12
N VAL A 483 -8.15 11.61 21.33
CA VAL A 483 -7.51 12.32 20.23
C VAL A 483 -6.52 13.35 20.75
N ALA A 484 -6.93 14.13 21.76
CA ALA A 484 -6.02 15.11 22.36
C ALA A 484 -4.75 14.45 22.85
N ASP A 485 -4.86 13.27 23.47
CA ASP A 485 -3.66 12.57 23.90
C ASP A 485 -2.87 12.04 22.72
N ALA A 486 -3.56 11.49 21.71
CA ALA A 486 -2.88 10.97 20.54
C ALA A 486 -2.03 12.03 19.86
N ILE A 487 -2.47 13.30 19.91
CA ILE A 487 -1.73 14.39 19.27
C ILE A 487 -0.40 14.64 19.97
N THR A 488 -0.37 14.50 21.30
CA THR A 488 0.92 14.61 21.99
C THR A 488 1.92 13.54 21.55
N LYS A 489 1.46 12.46 20.93
CA LYS A 489 2.34 11.40 20.46
C LYS A 489 2.83 11.60 19.02
N LEU A 490 2.29 12.61 18.32
CA LEU A 490 2.80 13.05 17.02
C LEU A 490 4.05 13.88 17.18
N GLY A 491 4.89 13.88 16.17
CA GLY A 491 6.08 14.72 16.16
C GLY A 491 5.87 16.09 15.54
N GLY A 492 4.62 16.55 15.48
CA GLY A 492 4.26 17.82 14.89
C GLY A 492 2.78 18.05 15.05
N PRO A 493 2.23 19.08 14.38
CA PRO A 493 0.79 19.35 14.51
C PRO A 493 -0.04 18.25 13.87
N ASP A 494 -1.31 18.18 14.29
CA ASP A 494 -2.28 17.21 13.75
C ASP A 494 -2.81 17.68 12.40
N ASN A 495 -1.98 17.55 11.35
CA ASN A 495 -2.45 17.85 10.01
C ASN A 495 -1.62 17.06 9.00
N ALA A 496 -1.90 17.28 7.71
CA ALA A 496 -1.32 16.44 6.66
C ALA A 496 0.15 16.73 6.40
N GLY A 497 0.74 17.76 7.02
CA GLY A 497 2.15 18.01 6.79
C GLY A 497 3.12 17.30 7.71
N THR A 498 2.63 16.67 8.77
CA THR A 498 3.50 16.16 9.82
C THR A 498 4.02 14.77 9.47
N ARG A 499 5.34 14.61 9.46
CA ARG A 499 5.95 13.33 9.15
C ARG A 499 5.58 12.29 10.21
N LEU A 500 5.27 11.09 9.77
CA LEU A 500 5.03 10.00 10.71
C LEU A 500 6.35 9.52 11.32
N TRP A 501 6.22 8.76 12.41
CA TRP A 501 7.39 8.44 13.21
C TRP A 501 8.46 7.70 12.39
N TRP A 502 8.06 6.85 11.44
CA TRP A 502 9.09 6.24 10.61
C TRP A 502 9.54 7.11 9.45
N ASP A 503 8.91 8.26 9.23
CA ASP A 503 9.26 9.19 8.16
C ASP A 503 10.24 10.21 8.72
N VAL A 504 11.52 10.01 8.45
CA VAL A 504 12.61 10.80 9.03
C VAL A 504 13.28 11.57 7.91
N PRO A 505 13.49 12.87 8.05
CA PRO A 505 14.05 13.64 6.92
C PRO A 505 15.55 13.45 6.80
N GLY A 506 16.04 13.69 5.58
CA GLY A 506 17.44 13.47 5.29
C GLY A 506 17.68 12.27 4.40
N GLY A 507 18.85 11.65 4.53
CA GLY A 507 19.14 10.47 3.76
C GLY A 507 18.30 9.28 4.20
N ASN A 508 18.26 8.27 3.33
CA ASN A 508 17.67 7.01 3.73
C ASN A 508 18.66 6.12 4.47
N PHE A 509 19.90 6.56 4.59
CA PHE A 509 20.93 5.78 5.28
C PHE A 509 21.54 6.66 6.36
C1 NAG B . -18.79 8.86 -7.55
C2 NAG B . -19.02 9.69 -6.30
C3 NAG B . -19.82 8.81 -5.31
C4 NAG B . -21.04 8.14 -5.96
C5 NAG B . -20.63 7.54 -7.31
C6 NAG B . -21.85 6.93 -8.01
C7 NAG B . -17.36 11.36 -5.27
C8 NAG B . -15.97 11.59 -4.62
N2 NAG B . -17.73 10.02 -5.68
O1 NAG B . -17.97 9.50 -8.48
O3 NAG B . -20.17 9.62 -4.22
O4 NAG B . -21.54 7.04 -5.21
O5 NAG B . -20.03 8.54 -8.12
O6 NAG B . -22.50 7.91 -8.78
O7 NAG B . -18.10 12.28 -5.39
C1 NAG B . -22.51 7.38 -4.28
C2 NAG B . -23.31 6.14 -3.93
C3 NAG B . -24.28 6.46 -2.80
C4 NAG B . -23.54 6.93 -1.57
C5 NAG B . -22.69 8.11 -1.96
C6 NAG B . -21.77 8.49 -0.83
C7 NAG B . -23.51 4.50 -5.85
C8 NAG B . -24.19 4.00 -7.13
N2 NAG B . -23.98 5.69 -5.15
O3 NAG B . -25.02 5.33 -2.46
O4 NAG B . -24.49 7.35 -0.58
O5 NAG B . -21.85 7.82 -3.08
O6 NAG B . -20.81 9.38 -1.33
O7 NAG B . -22.60 3.89 -5.40
C1 NAG B . -24.31 6.74 0.71
C2 NAG B . -24.56 7.79 1.79
C3 NAG B . -24.76 7.19 3.20
C4 NAG B . -25.46 5.83 3.23
C5 NAG B . -25.01 4.98 2.04
C6 NAG B . -25.75 3.65 2.00
C7 NAG B . -22.18 8.66 2.54
C8 NAG B . -21.15 9.81 2.50
N2 NAG B . -23.48 8.79 1.84
O3 NAG B . -25.51 8.09 3.97
O4 NAG B . -25.07 5.21 4.43
O5 NAG B . -25.23 5.71 0.84
O6 NAG B . -26.83 3.67 2.88
O7 NAG B . -21.87 7.68 3.14
#